data_2VIU
#
_entry.id   2VIU
#
_cell.length_a   144.400
_cell.length_b   144.400
_cell.length_c   144.400
_cell.angle_alpha   90.00
_cell.angle_beta   90.00
_cell.angle_gamma   90.00
#
_symmetry.space_group_name_H-M   'P 21 3'
#
loop_
_entity.id
_entity.type
_entity.pdbx_description
1 polymer HEMAGGLUTININ
2 polymer HEMAGGLUTININ
3 branched beta-D-mannopyranose-(1-4)-2-acetamido-2-deoxy-beta-D-glucopyranose-(1-4)-2-acetamido-2-deoxy-beta-D-glucopyranose
4 non-polymer 2-acetamido-2-deoxy-beta-D-glucopyranose
5 water water
#
loop_
_entity_poly.entity_id
_entity_poly.type
_entity_poly.pdbx_seq_one_letter_code
_entity_poly.pdbx_strand_id
1 'polypeptide(L)'
;QDLPGNDNSTATLCLGHHAVPNGTLVKTITDDQIEVTNATELVQSSSTGKICNNPHRILDGIDCTLIDALLGDPHCDVFQ
NETWDLFVERSKAFSNCYPYDVPDYASLRSLVASSGTLEFITEGFTWTGVIQNGGSNACKRGPGSGFFSRLNWLTKSGST
YPVLNVTMPNNDNFDKLYIWGIHHPSTNQEQTSLYVQASGRVTVSTRRSQQTIIPNIGSRPWVRGLSSRISIYWTIVKPG
DVLVINSNGNLIAPRGYFKMRTGKSSIMRSDAPIDTCISECITPNGSIPNDKPFQNVNKITYGACPKYVKQNTLKLATGM
RNVPEKQT
;
A
2 'polypeptide(L)'
;GLFGAIAGFIENGWEGMIDGWYGFRHQNSEGTGQAADLKSTQAAIDQINGKLNRVIEKTNEKFHQIEKEFSEVEGRIQDL
EKYVEDTKIDLWSYNAELLVALENQHTIDLTDSEMNKLFEKTRRQLRENAEEMGNGCFKIYHKCDNACIESIRNGTYDHD
VYRDEALNNRFQIKG
;
B
#
loop_
_chem_comp.id
_chem_comp.type
_chem_comp.name
_chem_comp.formula
BMA D-saccharide, beta linking beta-D-mannopyranose 'C6 H12 O6'
NAG D-saccharide, beta linking 2-acetamido-2-deoxy-beta-D-glucopyranose 'C8 H15 N O6'
#
# COMPACT_ATOMS: atom_id res chain seq x y z
N SER A 9 52.37 -12.44 -37.94
CA SER A 9 53.43 -12.28 -36.88
C SER A 9 52.95 -11.56 -35.62
N THR A 10 51.80 -10.90 -35.69
CA THR A 10 51.24 -10.21 -34.56
C THR A 10 49.74 -10.46 -34.58
N ALA A 11 49.06 -10.05 -33.51
CA ALA A 11 47.61 -10.19 -33.38
C ALA A 11 47.07 -8.97 -32.60
N THR A 12 45.76 -8.76 -32.70
CA THR A 12 45.09 -7.68 -32.02
C THR A 12 43.99 -8.30 -31.19
N LEU A 13 43.89 -7.91 -29.94
CA LEU A 13 42.83 -8.40 -29.06
C LEU A 13 42.15 -7.19 -28.43
N CYS A 14 40.88 -6.99 -28.74
CA CYS A 14 40.16 -5.87 -28.19
C CYS A 14 39.14 -6.32 -27.17
N LEU A 15 39.07 -5.56 -26.08
CA LEU A 15 38.14 -5.83 -25.01
C LEU A 15 36.94 -4.94 -25.29
N GLY A 16 35.77 -5.38 -24.88
CA GLY A 16 34.61 -4.56 -25.12
C GLY A 16 33.43 -5.00 -24.30
N HIS A 17 32.31 -4.37 -24.56
CA HIS A 17 31.09 -4.66 -23.86
C HIS A 17 29.94 -4.55 -24.85
N HIS A 18 28.78 -5.05 -24.46
CA HIS A 18 27.63 -5.00 -25.33
C HIS A 18 26.91 -3.64 -25.37
N ALA A 19 25.98 -3.51 -26.32
CA ALA A 19 25.16 -2.31 -26.53
C ALA A 19 23.86 -2.81 -27.18
N VAL A 20 22.78 -2.05 -27.04
CA VAL A 20 21.49 -2.39 -27.64
C VAL A 20 21.11 -1.23 -28.51
N PRO A 21 20.37 -1.49 -29.61
CA PRO A 21 19.94 -0.42 -30.51
C PRO A 21 19.11 0.61 -29.74
N ASN A 22 18.26 0.17 -28.83
CA ASN A 22 17.51 1.16 -28.06
C ASN A 22 17.49 0.89 -26.54
N GLY A 23 18.17 1.76 -25.81
CA GLY A 23 18.26 1.62 -24.38
C GLY A 23 17.18 2.41 -23.67
N THR A 24 17.28 2.53 -22.35
CA THR A 24 16.30 3.25 -21.58
C THR A 24 16.99 4.37 -20.84
N LEU A 25 16.29 5.49 -20.69
CA LEU A 25 16.84 6.64 -19.99
C LEU A 25 16.50 6.47 -18.52
N VAL A 26 17.47 6.81 -17.66
CA VAL A 26 17.31 6.73 -16.20
C VAL A 26 17.95 7.98 -15.58
N LYS A 27 17.56 8.30 -14.35
CA LYS A 27 18.12 9.45 -13.64
C LYS A 27 19.28 8.96 -12.80
N THR A 28 20.24 9.83 -12.57
CA THR A 28 21.40 9.50 -11.75
C THR A 28 21.66 10.72 -10.88
N ILE A 29 22.76 10.68 -10.13
CA ILE A 29 23.16 11.76 -9.26
C ILE A 29 23.53 12.99 -10.09
N THR A 30 24.30 12.78 -11.16
CA THR A 30 24.74 13.87 -12.00
C THR A 30 23.94 14.06 -13.29
N ASP A 31 22.99 13.17 -13.55
CA ASP A 31 22.22 13.20 -14.79
C ASP A 31 20.73 13.01 -14.64
N ASP A 32 19.97 13.84 -15.33
CA ASP A 32 18.52 13.72 -15.29
C ASP A 32 18.10 12.58 -16.23
N GLN A 33 18.83 12.42 -17.33
CA GLN A 33 18.55 11.36 -18.31
C GLN A 33 19.84 10.80 -18.87
N ILE A 34 20.05 9.52 -18.69
CA ILE A 34 21.22 8.91 -19.22
C ILE A 34 20.77 7.54 -19.71
N GLU A 35 21.27 7.13 -20.87
CA GLU A 35 20.86 5.88 -21.47
C GLU A 35 21.63 4.68 -20.98
N VAL A 36 20.88 3.67 -20.55
CA VAL A 36 21.41 2.40 -20.07
C VAL A 36 20.84 1.28 -20.93
N THR A 37 21.45 0.10 -20.83
CA THR A 37 20.98 -1.03 -21.63
C THR A 37 19.63 -1.52 -21.17
N ASN A 38 19.41 -1.53 -19.85
CA ASN A 38 18.14 -2.00 -19.33
C ASN A 38 17.80 -1.32 -18.01
N ALA A 39 16.51 -1.27 -17.68
CA ALA A 39 16.02 -0.62 -16.48
C ALA A 39 14.75 -1.33 -16.05
N THR A 40 14.26 -1.05 -14.85
CA THR A 40 13.04 -1.67 -14.39
C THR A 40 12.24 -0.65 -13.60
N GLU A 41 10.94 -0.67 -13.80
CA GLU A 41 10.02 0.26 -13.17
C GLU A 41 9.75 -0.09 -11.71
N LEU A 42 9.85 0.93 -10.83
CA LEU A 42 9.64 0.72 -9.42
C LEU A 42 8.32 1.23 -8.91
N VAL A 43 7.65 2.07 -9.70
CA VAL A 43 6.36 2.65 -9.31
C VAL A 43 5.19 1.96 -9.98
N GLN A 44 4.31 1.36 -9.17
CA GLN A 44 3.09 0.71 -9.69
C GLN A 44 2.10 1.84 -9.97
N SER A 45 1.68 2.02 -11.22
CA SER A 45 0.76 3.10 -11.52
C SER A 45 -0.58 2.73 -12.17
N SER A 46 -0.89 1.44 -12.23
CA SER A 46 -2.16 1.01 -12.81
C SER A 46 -2.89 0.07 -11.84
N SER A 47 -4.20 0.02 -11.98
CA SER A 47 -5.02 -0.85 -11.15
C SER A 47 -5.85 -1.71 -12.07
N THR A 48 -6.34 -2.82 -11.52
CA THR A 48 -7.19 -3.72 -12.28
C THR A 48 -8.59 -3.11 -12.41
N GLY A 49 -8.97 -2.29 -11.43
CA GLY A 49 -10.27 -1.65 -11.44
C GLY A 49 -11.29 -2.47 -10.68
N LYS A 50 -10.84 -3.59 -10.17
CA LYS A 50 -11.67 -4.52 -9.41
C LYS A 50 -10.91 -4.88 -8.19
N ILE A 51 -11.67 -5.24 -7.15
CA ILE A 51 -11.16 -5.62 -5.86
C ILE A 51 -11.24 -7.14 -5.76
N CYS A 52 -10.11 -7.78 -5.53
CA CYS A 52 -10.09 -9.24 -5.41
C CYS A 52 -10.59 -9.71 -4.06
N ASN A 53 -11.52 -10.66 -4.10
CA ASN A 53 -12.10 -11.21 -2.89
C ASN A 53 -11.16 -12.09 -2.09
N ASN A 54 -9.95 -12.28 -2.64
CA ASN A 54 -8.90 -13.05 -1.97
C ASN A 54 -7.64 -12.23 -1.91
N PRO A 55 -6.88 -12.34 -0.82
CA PRO A 55 -7.10 -13.21 0.35
C PRO A 55 -7.89 -12.60 1.53
N HIS A 56 -8.24 -11.33 1.47
CA HIS A 56 -8.93 -10.70 2.58
C HIS A 56 -10.43 -10.93 2.48
N ARG A 57 -11.09 -11.12 3.63
CA ARG A 57 -12.54 -11.29 3.66
C ARG A 57 -13.15 -9.92 3.38
N ILE A 58 -13.59 -9.72 2.15
CA ILE A 58 -14.21 -8.48 1.72
C ILE A 58 -15.71 -8.52 1.99
N LEU A 59 -16.25 -7.44 2.56
CA LEU A 59 -17.68 -7.39 2.80
C LEU A 59 -18.21 -6.15 2.10
N ASP A 60 -19.05 -6.36 1.09
CA ASP A 60 -19.65 -5.27 0.35
C ASP A 60 -20.86 -4.75 1.17
N GLY A 61 -20.84 -3.46 1.48
CA GLY A 61 -21.92 -2.85 2.25
C GLY A 61 -23.14 -2.59 1.39
N ILE A 62 -22.95 -2.65 0.07
CA ILE A 62 -24.00 -2.43 -0.92
C ILE A 62 -24.62 -1.04 -0.76
N ASP A 63 -25.83 -0.95 -0.21
CA ASP A 63 -26.46 0.35 -0.02
C ASP A 63 -26.62 0.67 1.44
N CYS A 64 -25.75 0.07 2.24
CA CYS A 64 -25.70 0.26 3.66
C CYS A 64 -24.33 0.75 4.08
N THR A 65 -24.31 1.74 4.95
CA THR A 65 -23.05 2.23 5.52
C THR A 65 -22.79 1.26 6.70
N LEU A 66 -21.56 1.20 7.21
CA LEU A 66 -21.32 0.34 8.36
C LEU A 66 -22.21 0.73 9.56
N ILE A 67 -22.46 2.03 9.75
CA ILE A 67 -23.31 2.49 10.87
C ILE A 67 -24.78 2.04 10.74
N ASP A 68 -25.36 2.10 9.55
CA ASP A 68 -26.74 1.67 9.36
C ASP A 68 -26.89 0.17 9.55
N ALA A 69 -25.85 -0.60 9.18
CA ALA A 69 -25.84 -2.05 9.34
C ALA A 69 -25.68 -2.37 10.84
N LEU A 70 -24.98 -1.50 11.56
CA LEU A 70 -24.77 -1.66 12.99
C LEU A 70 -26.07 -1.33 13.75
N LEU A 71 -26.73 -0.23 13.42
CA LEU A 71 -27.98 0.14 14.09
C LEU A 71 -29.13 -0.81 13.76
N GLY A 72 -29.14 -1.31 12.54
CA GLY A 72 -30.18 -2.22 12.12
C GLY A 72 -31.24 -1.56 11.30
N ASP A 73 -30.82 -0.68 10.41
CA ASP A 73 -31.74 0.00 9.50
C ASP A 73 -32.38 -1.18 8.76
N PRO A 74 -33.72 -1.30 8.72
CA PRO A 74 -34.36 -2.44 8.04
C PRO A 74 -33.72 -2.96 6.74
N HIS A 75 -33.27 -2.08 5.83
CA HIS A 75 -32.66 -2.55 4.59
C HIS A 75 -31.24 -3.11 4.73
N CYS A 76 -30.68 -3.02 5.93
CA CYS A 76 -29.35 -3.51 6.23
C CYS A 76 -29.40 -4.72 7.12
N ASP A 77 -30.60 -5.27 7.29
CA ASP A 77 -30.81 -6.44 8.14
C ASP A 77 -29.97 -7.63 7.70
N VAL A 78 -29.62 -7.66 6.43
CA VAL A 78 -28.81 -8.74 5.88
C VAL A 78 -27.39 -8.83 6.45
N PHE A 79 -26.90 -7.74 7.02
CA PHE A 79 -25.56 -7.71 7.59
C PHE A 79 -25.50 -8.10 9.04
N GLN A 80 -26.62 -8.50 9.60
CA GLN A 80 -26.63 -8.88 10.99
C GLN A 80 -25.62 -9.94 11.26
N ASN A 81 -24.76 -9.67 12.24
CA ASN A 81 -23.72 -10.59 12.67
C ASN A 81 -22.58 -10.82 11.70
N GLU A 82 -22.44 -9.98 10.69
CA GLU A 82 -21.35 -10.15 9.73
C GLU A 82 -19.96 -9.85 10.28
N THR A 83 -18.95 -10.36 9.59
CA THR A 83 -17.56 -10.12 9.96
C THR A 83 -16.86 -9.78 8.66
N TRP A 84 -15.68 -9.17 8.74
CA TRP A 84 -14.96 -8.78 7.54
C TRP A 84 -13.52 -8.41 7.86
N ASP A 85 -12.69 -8.36 6.82
CA ASP A 85 -11.32 -7.90 6.97
C ASP A 85 -11.44 -6.47 6.48
N LEU A 86 -12.18 -6.30 5.40
CA LEU A 86 -12.39 -4.99 4.83
C LEU A 86 -13.85 -4.77 4.48
N PHE A 87 -14.54 -3.88 5.19
CA PHE A 87 -15.94 -3.53 4.89
C PHE A 87 -15.80 -2.45 3.81
N VAL A 88 -16.56 -2.57 2.72
CA VAL A 88 -16.49 -1.61 1.63
C VAL A 88 -17.76 -0.81 1.55
N GLU A 89 -17.67 0.49 1.79
CA GLU A 89 -18.84 1.39 1.73
C GLU A 89 -19.03 1.96 0.32
N ARG A 90 -20.20 1.74 -0.25
CA ARG A 90 -20.48 2.23 -1.59
C ARG A 90 -21.09 3.60 -1.48
N SER A 91 -20.85 4.44 -2.49
CA SER A 91 -21.39 5.79 -2.48
C SER A 91 -22.91 5.80 -2.66
N LYS A 92 -23.44 4.69 -3.15
CA LYS A 92 -24.86 4.56 -3.36
C LYS A 92 -25.62 4.26 -2.05
N ALA A 93 -24.89 4.07 -0.96
CA ALA A 93 -25.52 3.77 0.32
C ALA A 93 -26.45 4.90 0.76
N PHE A 94 -27.54 4.53 1.42
CA PHE A 94 -28.51 5.51 1.91
C PHE A 94 -29.17 4.97 3.17
N SER A 95 -29.80 5.87 3.92
CA SER A 95 -30.49 5.54 5.16
C SER A 95 -31.98 5.58 4.90
N ASN A 96 -32.70 4.71 5.57
CA ASN A 96 -34.11 4.64 5.36
C ASN A 96 -34.81 4.25 6.65
N CYS A 97 -34.41 4.88 7.74
CA CYS A 97 -35.02 4.58 9.02
C CYS A 97 -35.26 5.91 9.75
N TYR A 98 -35.42 5.88 11.05
CA TYR A 98 -35.65 7.10 11.81
C TYR A 98 -34.46 8.07 11.63
N PRO A 99 -34.74 9.36 11.35
CA PRO A 99 -33.65 10.32 11.18
C PRO A 99 -32.82 10.44 12.48
N TYR A 100 -31.49 10.32 12.35
CA TYR A 100 -30.59 10.36 13.49
C TYR A 100 -29.23 10.99 13.17
N ASP A 101 -28.42 11.15 14.22
CA ASP A 101 -27.06 11.67 14.12
C ASP A 101 -26.24 10.95 15.17
N VAL A 102 -24.96 10.83 14.91
CA VAL A 102 -24.08 10.18 15.84
C VAL A 102 -23.03 11.22 16.19
N PRO A 103 -23.14 11.81 17.38
CA PRO A 103 -22.13 12.79 17.77
C PRO A 103 -20.82 11.98 17.81
N ASP A 104 -19.82 12.42 17.06
CA ASP A 104 -18.53 11.71 16.89
C ASP A 104 -18.72 10.39 16.11
N TYR A 105 -19.26 10.57 14.92
CA TYR A 105 -19.56 9.53 13.96
C TYR A 105 -18.28 8.81 13.48
N ALA A 106 -17.23 9.58 13.22
CA ALA A 106 -15.95 9.06 12.74
C ALA A 106 -15.34 8.07 13.71
N SER A 107 -15.46 8.36 15.01
CA SER A 107 -14.92 7.44 16.01
C SER A 107 -15.71 6.17 16.10
N LEU A 108 -17.03 6.26 16.13
CA LEU A 108 -17.87 5.07 16.17
C LEU A 108 -17.61 4.20 14.95
N ARG A 109 -17.61 4.81 13.76
CA ARG A 109 -17.35 4.08 12.51
C ARG A 109 -15.97 3.41 12.52
N SER A 110 -15.01 4.13 13.05
CA SER A 110 -13.64 3.67 13.11
C SER A 110 -13.44 2.46 14.00
N LEU A 111 -13.92 2.57 15.23
CA LEU A 111 -13.77 1.50 16.19
C LEU A 111 -14.56 0.25 15.80
N VAL A 112 -15.69 0.41 15.12
CA VAL A 112 -16.45 -0.75 14.70
C VAL A 112 -15.75 -1.39 13.49
N ALA A 113 -15.32 -0.57 12.54
CA ALA A 113 -14.62 -1.04 11.34
C ALA A 113 -13.40 -1.83 11.73
N SER A 114 -12.72 -1.32 12.74
CA SER A 114 -11.50 -1.89 13.28
C SER A 114 -11.71 -3.20 14.08
N SER A 115 -12.83 -3.29 14.79
CA SER A 115 -13.18 -4.46 15.56
C SER A 115 -13.45 -5.60 14.56
N GLY A 116 -14.10 -5.28 13.45
CA GLY A 116 -14.36 -6.27 12.41
C GLY A 116 -15.51 -7.25 12.54
N THR A 117 -16.46 -6.99 13.42
CA THR A 117 -17.59 -7.89 13.61
C THR A 117 -18.87 -7.15 14.02
N LEU A 118 -20.01 -7.67 13.58
CA LEU A 118 -21.30 -7.11 13.92
C LEU A 118 -22.04 -8.12 14.80
N GLU A 119 -21.33 -9.09 15.36
CA GLU A 119 -21.96 -10.07 16.24
C GLU A 119 -22.66 -9.42 17.43
N PHE A 120 -23.98 -9.61 17.49
CA PHE A 120 -24.79 -9.04 18.54
C PHE A 120 -25.37 -10.12 19.42
N ILE A 121 -25.24 -9.92 20.73
CA ILE A 121 -25.75 -10.84 21.72
C ILE A 121 -26.89 -10.11 22.44
N THR A 122 -28.10 -10.64 22.31
CA THR A 122 -29.23 -10.02 22.97
C THR A 122 -29.18 -10.32 24.46
N GLU A 123 -29.43 -9.30 25.27
CA GLU A 123 -29.45 -9.46 26.71
C GLU A 123 -30.84 -9.17 27.25
N GLY A 124 -31.20 -9.86 28.33
CA GLY A 124 -32.51 -9.70 28.93
C GLY A 124 -32.79 -8.47 29.74
N PHE A 125 -32.74 -7.29 29.13
CA PHE A 125 -33.03 -6.06 29.85
C PHE A 125 -34.52 -6.05 30.23
N THR A 126 -34.80 -5.54 31.42
CA THR A 126 -36.18 -5.43 31.87
C THR A 126 -36.50 -3.93 31.92
N TRP A 127 -37.50 -3.51 31.17
CA TRP A 127 -37.89 -2.12 31.15
C TRP A 127 -39.30 -2.12 31.70
N THR A 128 -39.34 -2.04 33.02
CA THR A 128 -40.55 -2.06 33.83
C THR A 128 -41.29 -0.74 33.90
N GLY A 129 -42.58 -0.77 33.59
CA GLY A 129 -43.37 0.44 33.64
C GLY A 129 -43.42 1.24 32.37
N VAL A 130 -42.87 0.68 31.29
CA VAL A 130 -42.89 1.34 29.99
C VAL A 130 -43.39 0.38 28.92
N ILE A 131 -43.80 0.94 27.78
CA ILE A 131 -44.27 0.17 26.65
C ILE A 131 -43.06 0.15 25.74
N GLN A 132 -42.63 -1.04 25.34
CA GLN A 132 -41.42 -1.20 24.51
C GLN A 132 -41.76 -1.34 23.05
N ASN A 133 -40.72 -1.58 22.26
CA ASN A 133 -40.89 -1.80 20.83
C ASN A 133 -41.66 -0.76 20.03
N GLY A 134 -41.44 0.51 20.33
CA GLY A 134 -42.07 1.58 19.58
C GLY A 134 -41.53 1.57 18.16
N GLY A 135 -42.30 2.08 17.22
CA GLY A 135 -41.87 2.08 15.84
C GLY A 135 -42.27 3.36 15.12
N SER A 136 -41.82 3.49 13.88
CA SER A 136 -42.12 4.68 13.13
C SER A 136 -42.36 4.34 11.68
N ASN A 137 -43.16 5.16 11.03
CA ASN A 137 -43.46 4.94 9.63
C ASN A 137 -42.32 5.48 8.78
N ALA A 138 -41.34 6.08 9.46
CA ALA A 138 -40.14 6.60 8.83
C ALA A 138 -39.18 5.42 8.74
N CYS A 139 -39.44 4.39 9.53
CA CYS A 139 -38.58 3.22 9.51
C CYS A 139 -39.44 1.95 9.33
N LYS A 140 -40.13 1.85 8.20
CA LYS A 140 -40.99 0.71 7.97
C LYS A 140 -40.25 -0.60 7.82
N ARG A 141 -40.80 -1.63 8.45
CA ARG A 141 -40.20 -2.94 8.36
C ARG A 141 -41.30 -3.78 7.78
N GLY A 142 -41.22 -3.93 6.47
CA GLY A 142 -42.21 -4.66 5.73
C GLY A 142 -43.36 -3.71 5.45
N PRO A 143 -44.59 -4.08 5.86
CA PRO A 143 -45.81 -3.31 5.67
C PRO A 143 -45.96 -2.08 6.56
N GLY A 144 -45.72 -2.26 7.85
CA GLY A 144 -45.89 -1.17 8.78
C GLY A 144 -44.63 -0.61 9.38
N SER A 145 -44.85 0.18 10.42
CA SER A 145 -43.80 0.86 11.13
C SER A 145 -42.79 -0.05 11.81
N GLY A 146 -41.53 0.37 11.79
CA GLY A 146 -40.49 -0.40 12.41
C GLY A 146 -39.54 0.55 13.10
N PHE A 147 -38.35 0.07 13.37
CA PHE A 147 -37.33 0.85 14.04
C PHE A 147 -36.06 0.06 13.84
N PHE A 148 -34.93 0.61 14.27
CA PHE A 148 -33.65 -0.09 14.15
C PHE A 148 -33.77 -1.37 14.93
N SER A 149 -33.28 -2.46 14.37
CA SER A 149 -33.37 -3.74 15.04
C SER A 149 -32.57 -3.86 16.36
N ARG A 150 -31.49 -3.10 16.50
CA ARG A 150 -30.67 -3.24 17.71
C ARG A 150 -30.99 -2.25 18.82
N LEU A 151 -32.05 -1.48 18.62
CA LEU A 151 -32.45 -0.47 19.58
C LEU A 151 -33.90 -0.71 19.97
N ASN A 152 -34.26 -0.29 21.18
CA ASN A 152 -35.59 -0.48 21.74
C ASN A 152 -36.22 0.86 22.14
N TRP A 153 -37.20 1.33 21.38
CA TRP A 153 -37.84 2.60 21.68
C TRP A 153 -38.90 2.46 22.78
N LEU A 154 -38.60 2.99 23.95
CA LEU A 154 -39.50 2.93 25.08
C LEU A 154 -40.34 4.21 25.21
N THR A 155 -41.65 4.03 25.42
CA THR A 155 -42.54 5.17 25.61
C THR A 155 -43.32 4.96 26.92
N LYS A 156 -44.06 5.96 27.35
CA LYS A 156 -44.77 5.85 28.62
C LYS A 156 -45.92 4.84 28.70
N SER A 157 -46.02 4.20 29.85
CA SER A 157 -47.04 3.23 30.10
C SER A 157 -48.14 3.94 30.87
N GLY A 158 -49.13 4.44 30.15
CA GLY A 158 -50.20 5.14 30.83
C GLY A 158 -49.92 6.59 31.22
N SER A 159 -50.02 6.92 32.51
CA SER A 159 -49.83 8.29 32.97
C SER A 159 -48.44 8.65 33.45
N THR A 160 -47.57 7.66 33.59
CA THR A 160 -46.22 7.94 34.02
C THR A 160 -45.12 7.18 33.32
N TYR A 161 -43.99 7.86 33.24
CA TYR A 161 -42.80 7.28 32.68
C TYR A 161 -41.97 7.27 33.95
N PRO A 162 -41.60 6.09 34.43
CA PRO A 162 -40.81 5.97 35.65
C PRO A 162 -39.32 6.22 35.47
N VAL A 163 -38.62 6.28 36.59
CA VAL A 163 -37.19 6.46 36.56
C VAL A 163 -36.61 5.09 36.31
N LEU A 164 -36.24 4.82 35.06
CA LEU A 164 -35.65 3.55 34.70
C LEU A 164 -34.24 3.53 35.28
N ASN A 165 -33.87 2.38 35.87
CA ASN A 165 -32.59 2.19 36.52
C ASN A 165 -32.24 0.70 36.37
N VAL A 166 -31.56 0.33 35.29
CA VAL A 166 -31.21 -1.07 35.07
C VAL A 166 -29.73 -1.27 35.07
N THR A 167 -29.32 -2.50 35.28
CA THR A 167 -27.92 -2.83 35.31
C THR A 167 -27.71 -4.12 34.53
N MET A 168 -26.51 -4.25 33.97
CA MET A 168 -26.12 -5.42 33.20
C MET A 168 -24.61 -5.52 33.39
N PRO A 169 -24.15 -6.52 34.15
CA PRO A 169 -22.74 -6.78 34.46
C PRO A 169 -21.99 -7.44 33.33
N ASN A 170 -20.70 -7.13 33.21
CA ASN A 170 -19.93 -7.80 32.18
C ASN A 170 -19.22 -8.94 32.89
N ASN A 171 -19.86 -10.10 32.91
CA ASN A 171 -19.28 -11.28 33.57
C ASN A 171 -18.46 -12.11 32.60
N ASP A 172 -18.15 -11.56 31.43
CA ASP A 172 -17.37 -12.28 30.45
C ASP A 172 -15.92 -11.83 30.49
N ASN A 173 -15.11 -12.44 29.64
CA ASN A 173 -13.70 -12.10 29.60
C ASN A 173 -13.38 -11.24 28.39
N PHE A 174 -14.37 -10.46 27.94
CA PHE A 174 -14.13 -9.59 26.81
C PHE A 174 -14.92 -8.30 26.97
N ASP A 175 -14.62 -7.36 26.08
CA ASP A 175 -15.26 -6.06 26.08
C ASP A 175 -16.57 -6.10 25.34
N LYS A 176 -17.57 -5.47 25.93
CA LYS A 176 -18.88 -5.39 25.33
C LYS A 176 -19.07 -3.99 24.79
N LEU A 177 -19.58 -3.85 23.58
CA LEU A 177 -19.87 -2.51 23.04
C LEU A 177 -21.39 -2.33 23.08
N TYR A 178 -21.86 -1.32 23.78
CA TYR A 178 -23.30 -1.07 23.83
C TYR A 178 -23.60 0.20 23.06
N ILE A 179 -24.59 0.13 22.17
CA ILE A 179 -25.02 1.27 21.38
C ILE A 179 -26.39 1.62 21.96
N TRP A 180 -26.65 2.90 22.19
CA TRP A 180 -27.93 3.36 22.75
C TRP A 180 -28.11 4.78 22.21
N GLY A 181 -29.23 5.41 22.51
CA GLY A 181 -29.42 6.76 22.02
C GLY A 181 -30.41 7.52 22.86
N ILE A 182 -30.74 8.74 22.41
CA ILE A 182 -31.70 9.60 23.10
C ILE A 182 -32.60 10.22 22.04
N HIS A 183 -33.87 10.41 22.36
CA HIS A 183 -34.83 10.98 21.42
C HIS A 183 -35.01 12.49 21.65
N HIS A 184 -34.87 13.27 20.58
CA HIS A 184 -35.06 14.71 20.62
C HIS A 184 -36.41 15.01 19.98
N PRO A 185 -37.46 15.27 20.79
CA PRO A 185 -38.75 15.55 20.17
C PRO A 185 -38.73 16.89 19.49
N SER A 186 -39.67 17.11 18.57
CA SER A 186 -39.74 18.36 17.84
C SER A 186 -40.57 19.41 18.59
N THR A 187 -41.44 18.96 19.52
CA THR A 187 -42.27 19.87 20.31
C THR A 187 -42.46 19.32 21.70
N ASN A 188 -42.89 20.17 22.62
CA ASN A 188 -43.14 19.75 24.01
C ASN A 188 -44.33 18.84 24.10
N GLN A 189 -45.27 19.03 23.19
CA GLN A 189 -46.44 18.21 23.14
C GLN A 189 -45.98 16.78 22.88
N GLU A 190 -45.09 16.60 21.92
CA GLU A 190 -44.55 15.28 21.60
C GLU A 190 -43.78 14.73 22.81
N GLN A 191 -43.00 15.59 23.44
CA GLN A 191 -42.23 15.20 24.63
C GLN A 191 -43.10 14.61 25.74
N THR A 192 -44.16 15.32 26.13
CA THR A 192 -45.04 14.85 27.19
C THR A 192 -45.90 13.68 26.73
N SER A 193 -46.33 13.70 25.48
CA SER A 193 -47.15 12.63 24.93
C SER A 193 -46.45 11.30 25.02
N LEU A 194 -45.16 11.29 24.73
CA LEU A 194 -44.37 10.06 24.75
C LEU A 194 -43.74 9.78 26.09
N TYR A 195 -43.18 10.81 26.72
CA TYR A 195 -42.46 10.62 27.97
C TYR A 195 -43.02 11.21 29.24
N VAL A 196 -44.15 11.90 29.15
CA VAL A 196 -44.80 12.52 30.31
C VAL A 196 -43.93 13.68 30.86
N GLN A 197 -42.72 13.38 31.36
CA GLN A 197 -41.81 14.40 31.87
C GLN A 197 -41.60 15.48 30.83
N ALA A 198 -41.59 16.74 31.28
CA ALA A 198 -41.38 17.88 30.39
C ALA A 198 -39.93 17.90 29.91
N SER A 199 -39.07 17.19 30.63
CA SER A 199 -37.65 17.10 30.29
C SER A 199 -37.10 15.73 30.72
N GLY A 200 -36.60 14.97 29.75
CA GLY A 200 -36.04 13.67 30.05
C GLY A 200 -34.55 13.76 30.26
N ARG A 201 -33.91 12.62 30.42
CA ARG A 201 -32.48 12.60 30.65
C ARG A 201 -32.06 11.14 30.65
N VAL A 202 -30.87 10.87 30.14
CA VAL A 202 -30.32 9.52 30.09
C VAL A 202 -28.91 9.57 30.65
N THR A 203 -28.62 8.75 31.66
CA THR A 203 -27.28 8.69 32.23
C THR A 203 -26.82 7.24 32.06
N VAL A 204 -25.74 7.03 31.32
CA VAL A 204 -25.21 5.69 31.11
C VAL A 204 -23.82 5.66 31.71
N SER A 205 -23.55 4.69 32.56
CA SER A 205 -22.26 4.65 33.21
C SER A 205 -21.75 3.27 33.57
N THR A 206 -20.45 3.19 33.76
CA THR A 206 -19.78 1.99 34.19
C THR A 206 -19.13 2.47 35.48
N ARG A 207 -18.19 1.71 36.03
CA ARG A 207 -17.53 2.16 37.25
C ARG A 207 -16.53 3.26 36.99
N ARG A 208 -16.01 3.30 35.77
CA ARG A 208 -15.04 4.30 35.39
C ARG A 208 -15.54 5.47 34.57
N SER A 209 -16.54 5.22 33.73
CA SER A 209 -17.08 6.27 32.88
C SER A 209 -18.52 6.58 33.23
N GLN A 210 -19.00 7.68 32.66
CA GLN A 210 -20.34 8.17 32.92
C GLN A 210 -20.70 9.17 31.80
N GLN A 211 -21.95 9.14 31.33
CA GLN A 211 -22.41 10.06 30.27
C GLN A 211 -23.85 10.44 30.60
N THR A 212 -24.18 11.75 30.63
CA THR A 212 -25.57 12.17 30.84
C THR A 212 -25.95 13.03 29.64
N ILE A 213 -27.08 12.70 29.04
CA ILE A 213 -27.55 13.40 27.86
C ILE A 213 -28.94 13.91 28.15
N ILE A 214 -29.19 15.14 27.75
CA ILE A 214 -30.48 15.78 27.93
C ILE A 214 -31.04 15.99 26.51
N PRO A 215 -32.30 15.59 26.27
CA PRO A 215 -32.85 15.78 24.93
C PRO A 215 -33.01 17.27 24.58
N ASN A 216 -33.00 17.58 23.29
CA ASN A 216 -33.14 18.96 22.83
C ASN A 216 -34.41 19.08 21.99
N ILE A 217 -35.41 19.77 22.51
CA ILE A 217 -36.66 19.91 21.78
C ILE A 217 -36.56 21.02 20.74
N GLY A 218 -37.16 20.80 19.59
CA GLY A 218 -37.11 21.79 18.54
C GLY A 218 -37.37 21.16 17.19
N SER A 219 -37.89 21.96 16.26
CA SER A 219 -38.16 21.46 14.93
C SER A 219 -36.90 21.49 14.11
N ARG A 220 -36.61 20.36 13.49
CA ARG A 220 -35.47 20.20 12.60
C ARG A 220 -36.13 20.03 11.23
N PRO A 221 -35.32 19.99 10.15
CA PRO A 221 -35.95 19.82 8.84
C PRO A 221 -36.55 18.42 8.73
N TRP A 222 -37.57 18.33 7.92
CA TRP A 222 -38.27 17.09 7.68
C TRP A 222 -37.47 16.01 6.97
N VAL A 223 -37.37 14.85 7.58
CA VAL A 223 -36.69 13.71 6.99
C VAL A 223 -37.61 12.56 7.21
N ARG A 224 -38.02 11.95 6.11
CA ARG A 224 -38.93 10.80 6.08
C ARG A 224 -40.20 11.09 6.88
N GLY A 225 -40.66 12.33 6.74
CA GLY A 225 -41.87 12.74 7.43
C GLY A 225 -41.69 13.21 8.85
N LEU A 226 -40.45 13.21 9.33
CA LEU A 226 -40.19 13.58 10.71
C LEU A 226 -39.27 14.77 10.91
N SER A 227 -39.54 15.56 11.95
CA SER A 227 -38.66 16.68 12.24
C SER A 227 -37.94 16.42 13.55
N SER A 228 -38.31 15.33 14.23
CA SER A 228 -37.62 14.96 15.47
C SER A 228 -36.39 14.11 15.11
N ARG A 229 -35.53 13.83 16.08
CA ARG A 229 -34.31 13.09 15.82
C ARG A 229 -33.90 12.16 16.95
N ILE A 230 -32.92 11.30 16.67
CA ILE A 230 -32.36 10.39 17.65
C ILE A 230 -30.83 10.65 17.54
N SER A 231 -30.14 10.73 18.67
CA SER A 231 -28.68 10.88 18.65
C SER A 231 -28.13 9.62 19.26
N ILE A 232 -27.19 9.00 18.57
CA ILE A 232 -26.57 7.75 18.98
C ILE A 232 -25.27 7.90 19.79
N TYR A 233 -25.14 7.11 20.84
CA TYR A 233 -23.95 7.12 21.71
C TYR A 233 -23.52 5.68 21.90
N TRP A 234 -22.38 5.46 22.54
CA TRP A 234 -21.87 4.11 22.76
C TRP A 234 -21.13 4.03 24.08
N THR A 235 -21.03 2.83 24.65
CA THR A 235 -20.33 2.62 25.90
C THR A 235 -19.69 1.25 25.81
N ILE A 236 -18.40 1.16 26.11
CA ILE A 236 -17.67 -0.10 26.08
C ILE A 236 -17.53 -0.52 27.54
N VAL A 237 -17.96 -1.73 27.87
CA VAL A 237 -17.88 -2.27 29.22
C VAL A 237 -16.83 -3.37 29.25
N LYS A 238 -15.78 -3.15 30.06
CA LYS A 238 -14.67 -4.09 30.17
C LYS A 238 -15.05 -5.20 31.13
N PRO A 239 -14.46 -6.41 30.97
CA PRO A 239 -14.75 -7.54 31.85
C PRO A 239 -14.70 -7.15 33.31
N GLY A 240 -15.71 -7.57 34.06
CA GLY A 240 -15.77 -7.26 35.48
C GLY A 240 -16.45 -5.95 35.80
N ASP A 241 -16.65 -5.09 34.80
CA ASP A 241 -17.32 -3.82 35.03
C ASP A 241 -18.81 -4.08 34.90
N VAL A 242 -19.61 -3.07 35.19
CA VAL A 242 -21.05 -3.20 35.15
C VAL A 242 -21.63 -2.00 34.42
N LEU A 243 -22.67 -2.23 33.62
CA LEU A 243 -23.36 -1.17 32.90
C LEU A 243 -24.62 -0.77 33.70
N VAL A 244 -24.83 0.52 33.91
CA VAL A 244 -26.02 0.97 34.62
C VAL A 244 -26.66 2.06 33.75
N ILE A 245 -27.96 1.92 33.51
CA ILE A 245 -28.70 2.86 32.70
C ILE A 245 -29.75 3.48 33.58
N ASN A 246 -29.75 4.80 33.65
CA ASN A 246 -30.68 5.54 34.47
C ASN A 246 -31.38 6.60 33.61
N SER A 247 -32.70 6.66 33.66
CA SER A 247 -33.41 7.62 32.83
C SER A 247 -34.85 7.80 33.24
N ASN A 248 -35.37 9.00 33.06
CA ASN A 248 -36.77 9.24 33.39
C ASN A 248 -37.43 9.77 32.14
N GLY A 249 -36.86 9.44 30.98
CA GLY A 249 -37.42 9.87 29.74
C GLY A 249 -36.43 9.97 28.60
N ASN A 250 -36.95 9.79 27.39
CA ASN A 250 -36.22 9.91 26.12
C ASN A 250 -35.18 8.86 25.77
N LEU A 251 -35.13 7.78 26.55
CA LEU A 251 -34.18 6.69 26.33
C LEU A 251 -34.54 5.79 25.12
N ILE A 252 -33.55 5.59 24.25
CA ILE A 252 -33.67 4.69 23.11
C ILE A 252 -32.71 3.60 23.60
N ALA A 253 -33.28 2.62 24.27
CA ALA A 253 -32.53 1.53 24.89
C ALA A 253 -31.82 0.52 23.99
N PRO A 254 -30.74 -0.09 24.50
CA PRO A 254 -29.97 -1.10 23.76
C PRO A 254 -30.67 -2.44 23.97
N ARG A 255 -30.48 -3.37 23.04
CA ARG A 255 -31.10 -4.69 23.19
C ARG A 255 -30.07 -5.73 23.62
N GLY A 256 -28.80 -5.33 23.63
CA GLY A 256 -27.72 -6.22 24.00
C GLY A 256 -26.43 -5.54 23.64
N TYR A 257 -25.39 -6.33 23.38
CA TYR A 257 -24.09 -5.78 23.02
C TYR A 257 -23.43 -6.40 21.80
N PHE A 258 -22.49 -5.67 21.22
CA PHE A 258 -21.73 -6.19 20.09
C PHE A 258 -20.41 -6.70 20.68
N LYS A 259 -19.94 -7.82 20.17
CA LYS A 259 -18.66 -8.36 20.64
C LYS A 259 -17.59 -7.54 19.98
N MET A 260 -16.53 -7.22 20.72
CA MET A 260 -15.43 -6.46 20.17
C MET A 260 -14.22 -7.36 19.96
N ARG A 261 -13.50 -7.10 18.89
CA ARG A 261 -12.31 -7.85 18.57
C ARG A 261 -11.21 -6.86 18.17
N THR A 262 -9.98 -7.35 18.18
CA THR A 262 -8.83 -6.57 17.76
C THR A 262 -8.23 -7.37 16.63
N GLY A 263 -7.85 -6.69 15.55
CA GLY A 263 -7.28 -7.41 14.43
C GLY A 263 -6.94 -6.51 13.27
N LYS A 264 -6.89 -7.10 12.09
CA LYS A 264 -6.53 -6.38 10.89
C LYS A 264 -7.68 -5.76 10.13
N SER A 265 -8.89 -5.80 10.69
CA SER A 265 -10.06 -5.27 10.00
C SER A 265 -10.09 -3.77 9.81
N SER A 266 -10.73 -3.33 8.74
CA SER A 266 -10.83 -1.91 8.47
C SER A 266 -12.04 -1.66 7.58
N ILE A 267 -12.15 -0.44 7.08
CA ILE A 267 -13.25 -0.02 6.24
C ILE A 267 -12.68 0.87 5.13
N MET A 268 -13.25 0.83 3.94
CA MET A 268 -12.79 1.62 2.81
C MET A 268 -13.96 2.12 1.98
N ARG A 269 -13.85 3.34 1.45
CA ARG A 269 -14.87 3.90 0.56
C ARG A 269 -14.43 3.63 -0.87
N SER A 270 -15.24 2.90 -1.61
CA SER A 270 -14.90 2.54 -2.96
C SER A 270 -16.12 2.03 -3.71
N ASP A 271 -16.21 2.40 -4.98
CA ASP A 271 -17.30 1.92 -5.81
C ASP A 271 -16.78 0.88 -6.81
N ALA A 272 -15.57 0.36 -6.56
CA ALA A 272 -14.97 -0.64 -7.44
C ALA A 272 -15.57 -2.03 -7.23
N PRO A 273 -15.82 -2.73 -8.36
CA PRO A 273 -16.39 -4.08 -8.39
C PRO A 273 -15.52 -5.06 -7.61
N ILE A 274 -16.14 -6.06 -7.02
CA ILE A 274 -15.42 -7.08 -6.31
C ILE A 274 -15.37 -8.26 -7.28
N ASP A 275 -14.17 -8.73 -7.56
CA ASP A 275 -13.97 -9.81 -8.51
C ASP A 275 -13.34 -10.98 -7.77
N THR A 276 -13.42 -12.14 -8.39
CA THR A 276 -12.85 -13.34 -7.81
C THR A 276 -11.41 -13.39 -8.30
N CYS A 277 -10.48 -13.18 -7.39
CA CYS A 277 -9.08 -13.21 -7.73
C CYS A 277 -8.32 -13.15 -6.45
N ILE A 278 -7.00 -13.02 -6.53
CA ILE A 278 -6.19 -12.96 -5.34
C ILE A 278 -5.26 -11.77 -5.42
N SER A 279 -5.26 -10.96 -4.37
CA SER A 279 -4.39 -9.80 -4.31
C SER A 279 -4.28 -9.27 -2.90
N GLU A 280 -3.02 -9.21 -2.46
CA GLU A 280 -2.64 -8.73 -1.15
C GLU A 280 -2.99 -7.27 -0.96
N CYS A 281 -2.88 -6.51 -2.03
CA CYS A 281 -3.11 -5.08 -1.93
C CYS A 281 -4.40 -4.51 -2.52
N ILE A 282 -5.09 -3.70 -1.72
CA ILE A 282 -6.33 -3.08 -2.12
C ILE A 282 -6.31 -1.56 -1.95
N THR A 283 -6.80 -0.88 -2.97
CA THR A 283 -6.91 0.58 -2.94
C THR A 283 -8.36 0.81 -3.40
N PRO A 284 -8.88 2.04 -3.21
CA PRO A 284 -10.26 2.31 -3.63
C PRO A 284 -10.42 2.15 -5.16
N ASN A 285 -9.31 2.25 -5.89
CA ASN A 285 -9.29 2.12 -7.33
C ASN A 285 -9.38 0.66 -7.75
N GLY A 286 -9.09 -0.24 -6.84
CA GLY A 286 -9.09 -1.64 -7.15
C GLY A 286 -7.78 -2.23 -6.65
N SER A 287 -7.63 -3.53 -6.77
CA SER A 287 -6.41 -4.18 -6.32
C SER A 287 -5.26 -3.85 -7.23
N ILE A 288 -4.05 -3.94 -6.67
CA ILE A 288 -2.83 -3.68 -7.41
C ILE A 288 -1.77 -4.67 -6.96
N PRO A 289 -0.91 -5.07 -7.89
CA PRO A 289 0.14 -6.01 -7.51
C PRO A 289 1.12 -5.31 -6.54
N ASN A 290 1.84 -6.09 -5.76
CA ASN A 290 2.80 -5.53 -4.81
C ASN A 290 4.21 -6.04 -5.07
N ASP A 291 4.54 -6.28 -6.35
CA ASP A 291 5.88 -6.74 -6.72
C ASP A 291 6.84 -5.54 -6.71
N LYS A 292 6.31 -4.34 -6.97
CA LYS A 292 7.08 -3.10 -6.97
C LYS A 292 7.04 -2.44 -5.59
N PRO A 293 8.15 -1.80 -5.18
CA PRO A 293 8.21 -1.16 -3.87
C PRO A 293 7.38 0.10 -3.68
N PHE A 294 7.07 0.80 -4.76
CA PHE A 294 6.31 2.04 -4.67
C PHE A 294 5.13 1.96 -5.60
N GLN A 295 4.16 2.86 -5.39
CA GLN A 295 2.98 2.91 -6.21
C GLN A 295 2.46 4.32 -6.22
N ASN A 296 1.72 4.64 -7.26
CA ASN A 296 1.18 5.98 -7.41
C ASN A 296 -0.33 5.90 -7.70
N VAL A 297 -0.97 4.81 -7.28
CA VAL A 297 -2.41 4.62 -7.52
C VAL A 297 -3.29 5.41 -6.54
N ASN A 298 -3.10 5.18 -5.26
CA ASN A 298 -3.89 5.87 -4.27
C ASN A 298 -3.15 5.81 -2.95
N LYS A 299 -3.25 6.88 -2.16
CA LYS A 299 -2.59 6.95 -0.86
C LYS A 299 -3.35 6.10 0.16
N ILE A 300 -4.59 5.74 -0.19
CA ILE A 300 -5.43 4.91 0.65
C ILE A 300 -5.23 3.46 0.23
N THR A 301 -4.67 2.64 1.13
CA THR A 301 -4.43 1.22 0.85
C THR A 301 -4.77 0.31 2.03
N TYR A 302 -4.86 -0.99 1.76
CA TYR A 302 -5.14 -1.99 2.78
C TYR A 302 -4.39 -3.25 2.37
N GLY A 303 -3.59 -3.77 3.29
CA GLY A 303 -2.84 -4.98 3.02
C GLY A 303 -1.37 -4.74 2.75
N ALA A 304 -0.74 -5.73 2.15
CA ALA A 304 0.68 -5.69 1.82
C ALA A 304 0.76 -4.86 0.57
N CYS A 305 1.08 -3.58 0.74
CA CYS A 305 1.12 -2.67 -0.39
C CYS A 305 2.40 -1.89 -0.64
N PRO A 306 2.64 -1.52 -1.90
CA PRO A 306 3.83 -0.73 -2.26
C PRO A 306 3.61 0.64 -1.57
N LYS A 307 4.67 1.37 -1.26
CA LYS A 307 4.51 2.68 -0.64
C LYS A 307 4.07 3.73 -1.65
N TYR A 308 3.19 4.62 -1.23
CA TYR A 308 2.67 5.67 -2.09
C TYR A 308 3.66 6.79 -2.28
N VAL A 309 3.91 7.12 -3.55
CA VAL A 309 4.80 8.20 -3.89
C VAL A 309 4.11 9.06 -4.93
N LYS A 310 4.54 10.31 -5.02
CA LYS A 310 3.97 11.25 -5.97
C LYS A 310 4.39 11.00 -7.42
N GLN A 311 5.52 10.32 -7.62
CA GLN A 311 6.02 10.03 -8.95
C GLN A 311 5.22 8.92 -9.63
N ASN A 312 5.12 9.00 -10.94
CA ASN A 312 4.40 7.98 -11.70
C ASN A 312 5.35 7.04 -12.40
N THR A 313 6.64 7.28 -12.24
CA THR A 313 7.64 6.41 -12.84
C THR A 313 8.99 6.68 -12.20
N LEU A 314 9.68 5.59 -11.85
CA LEU A 314 11.02 5.63 -11.26
C LEU A 314 11.68 4.35 -11.74
N LYS A 315 12.58 4.51 -12.72
CA LYS A 315 13.31 3.42 -13.34
C LYS A 315 14.63 3.14 -12.65
N LEU A 316 14.86 1.86 -12.36
CA LEU A 316 16.09 1.40 -11.74
C LEU A 316 16.89 0.73 -12.85
N ALA A 317 18.10 1.23 -13.09
CA ALA A 317 19.00 0.70 -14.11
C ALA A 317 19.39 -0.73 -13.73
N THR A 318 19.22 -1.65 -14.66
CA THR A 318 19.56 -3.05 -14.41
C THR A 318 20.56 -3.45 -15.49
N GLY A 319 21.28 -2.46 -16.00
CA GLY A 319 22.25 -2.71 -17.03
C GLY A 319 23.26 -1.60 -17.03
N MET A 320 24.26 -1.71 -17.88
CA MET A 320 25.29 -0.70 -17.99
C MET A 320 24.88 0.46 -18.90
N ARG A 321 25.72 1.47 -18.96
CA ARG A 321 25.54 2.61 -19.82
C ARG A 321 25.45 2.08 -21.28
N ASN A 322 24.43 2.50 -22.03
CA ASN A 322 24.29 2.04 -23.40
C ASN A 322 25.05 2.95 -24.36
N VAL A 323 26.01 2.36 -25.07
CA VAL A 323 26.81 3.11 -26.04
C VAL A 323 26.74 2.32 -27.36
N PRO A 324 25.76 2.63 -28.21
CA PRO A 324 25.60 1.93 -29.49
C PRO A 324 26.75 2.17 -30.48
N GLU A 325 26.84 1.27 -31.46
CA GLU A 325 27.86 1.32 -32.47
C GLU A 325 27.90 2.52 -33.40
N LYS A 326 29.10 2.70 -33.95
CA LYS A 326 29.49 3.76 -34.88
C LYS A 326 28.58 4.10 -36.07
N GLN A 327 28.35 3.11 -36.93
CA GLN A 327 27.56 3.21 -38.15
C GLN A 327 28.51 3.41 -39.34
N THR A 328 29.04 2.28 -39.83
CA THR A 328 29.97 2.11 -40.99
C THR A 328 31.42 1.88 -40.63
N GLY B 1 31.61 6.90 -16.31
CA GLY B 1 31.78 6.44 -14.93
C GLY B 1 33.14 6.82 -14.36
N LEU B 2 33.36 6.41 -13.13
CA LEU B 2 34.58 6.68 -12.41
C LEU B 2 35.82 6.08 -13.01
N PHE B 3 35.69 4.98 -13.75
CA PHE B 3 36.84 4.30 -14.32
C PHE B 3 37.22 4.67 -15.73
N GLY B 4 36.29 5.31 -16.44
CA GLY B 4 36.54 5.74 -17.78
C GLY B 4 36.72 4.67 -18.84
N ALA B 5 36.19 3.47 -18.62
CA ALA B 5 36.30 2.39 -19.60
C ALA B 5 35.07 2.48 -20.52
N ILE B 6 33.89 2.15 -20.00
CA ILE B 6 32.70 2.22 -20.81
C ILE B 6 32.44 3.69 -21.11
N ALA B 7 32.23 4.01 -22.38
CA ALA B 7 32.00 5.38 -22.81
C ALA B 7 33.24 6.20 -22.44
N GLY B 8 34.39 5.54 -22.43
CA GLY B 8 35.65 6.17 -22.10
C GLY B 8 36.68 5.73 -23.12
N PHE B 9 37.72 5.01 -22.70
CA PHE B 9 38.73 4.57 -23.64
C PHE B 9 38.18 3.55 -24.61
N ILE B 10 37.06 2.94 -24.22
CA ILE B 10 36.37 1.98 -25.08
C ILE B 10 35.33 2.85 -25.79
N GLU B 11 35.57 3.10 -27.07
CA GLU B 11 34.73 3.94 -27.94
C GLU B 11 33.24 3.74 -27.86
N ASN B 12 32.79 2.52 -28.11
CA ASN B 12 31.39 2.20 -28.09
C ASN B 12 31.23 0.73 -27.80
N GLY B 13 29.98 0.29 -27.61
CA GLY B 13 29.70 -1.10 -27.35
C GLY B 13 29.52 -1.88 -28.64
N TRP B 14 29.27 -3.18 -28.46
CA TRP B 14 29.08 -4.11 -29.55
C TRP B 14 27.68 -4.59 -29.52
N GLU B 15 26.93 -4.25 -30.56
CA GLU B 15 25.57 -4.71 -30.67
C GLU B 15 25.58 -6.12 -31.22
N GLY B 16 24.64 -6.93 -30.74
CA GLY B 16 24.55 -8.29 -31.22
C GLY B 16 25.29 -9.31 -30.39
N MET B 17 26.11 -8.87 -29.46
CA MET B 17 26.81 -9.81 -28.60
C MET B 17 25.75 -10.18 -27.59
N ILE B 18 25.28 -11.41 -27.72
CA ILE B 18 24.23 -11.96 -26.87
C ILE B 18 24.69 -12.98 -25.83
N ASP B 19 25.92 -13.43 -25.96
CA ASP B 19 26.44 -14.42 -25.06
C ASP B 19 27.01 -13.86 -23.77
N GLY B 20 27.11 -12.54 -23.66
CA GLY B 20 27.65 -11.95 -22.45
C GLY B 20 27.59 -10.44 -22.47
N TRP B 21 28.03 -9.82 -21.39
CA TRP B 21 28.02 -8.37 -21.27
C TRP B 21 29.37 -7.79 -21.66
N TYR B 22 30.43 -8.53 -21.39
CA TYR B 22 31.80 -8.10 -21.68
C TYR B 22 32.42 -9.18 -22.54
N GLY B 23 33.35 -8.80 -23.39
CA GLY B 23 33.97 -9.80 -24.23
C GLY B 23 35.20 -9.33 -24.95
N PHE B 24 35.62 -10.16 -25.90
CA PHE B 24 36.79 -9.90 -26.71
C PHE B 24 36.45 -10.02 -28.18
N ARG B 25 37.20 -9.31 -28.99
CA ARG B 25 37.10 -9.37 -30.43
C ARG B 25 38.55 -9.46 -30.84
N HIS B 26 38.89 -10.40 -31.71
CA HIS B 26 40.27 -10.53 -32.10
C HIS B 26 40.44 -10.58 -33.60
N GLN B 27 41.69 -10.36 -34.02
CA GLN B 27 42.11 -10.42 -35.40
C GLN B 27 43.47 -11.10 -35.33
N ASN B 28 43.60 -12.29 -35.91
CA ASN B 28 44.86 -13.01 -35.88
C ASN B 28 45.23 -13.63 -37.23
N SER B 29 46.20 -14.56 -37.22
CA SER B 29 46.64 -15.24 -38.42
C SER B 29 45.45 -15.92 -39.13
N GLU B 30 44.55 -16.52 -38.34
CA GLU B 30 43.38 -17.20 -38.87
C GLU B 30 42.14 -16.35 -39.12
N GLY B 31 42.17 -15.06 -38.79
CA GLY B 31 40.99 -14.23 -39.06
C GLY B 31 40.48 -13.42 -37.87
N THR B 32 39.17 -13.20 -37.81
CA THR B 32 38.57 -12.43 -36.72
C THR B 32 37.55 -13.24 -35.95
N GLY B 33 37.14 -12.73 -34.78
CA GLY B 33 36.18 -13.41 -33.96
C GLY B 33 35.81 -12.57 -32.76
N GLN B 34 34.72 -12.96 -32.10
CA GLN B 34 34.21 -12.28 -30.90
C GLN B 34 33.78 -13.35 -29.90
N ALA B 35 33.91 -13.07 -28.62
CA ALA B 35 33.51 -14.04 -27.59
C ALA B 35 33.20 -13.31 -26.31
N ALA B 36 32.18 -13.79 -25.59
CA ALA B 36 31.80 -13.20 -24.33
C ALA B 36 32.64 -13.76 -23.21
N ASP B 37 32.92 -12.92 -22.23
CA ASP B 37 33.65 -13.34 -21.05
C ASP B 37 32.51 -13.54 -20.07
N LEU B 38 32.36 -14.77 -19.60
CA LEU B 38 31.30 -15.14 -18.67
C LEU B 38 31.51 -14.75 -17.22
N LYS B 39 32.76 -14.74 -16.79
CA LYS B 39 33.07 -14.43 -15.41
C LYS B 39 32.74 -12.97 -15.04
N SER B 40 33.17 -12.03 -15.87
CA SER B 40 32.90 -10.61 -15.63
C SER B 40 31.41 -10.30 -15.81
N THR B 41 30.79 -10.94 -16.81
CA THR B 41 29.37 -10.77 -17.06
C THR B 41 28.59 -11.14 -15.80
N GLN B 42 28.90 -12.32 -15.26
CA GLN B 42 28.24 -12.85 -14.07
C GLN B 42 28.46 -12.00 -12.83
N ALA B 43 29.65 -11.43 -12.68
CA ALA B 43 29.95 -10.56 -11.57
C ALA B 43 29.06 -9.31 -11.59
N ALA B 44 28.94 -8.66 -12.74
CA ALA B 44 28.11 -7.46 -12.89
C ALA B 44 26.65 -7.82 -12.67
N ILE B 45 26.23 -8.95 -13.25
CA ILE B 45 24.86 -9.42 -13.11
C ILE B 45 24.48 -9.75 -11.67
N ASP B 46 25.37 -10.43 -10.95
CA ASP B 46 25.09 -10.77 -9.57
C ASP B 46 24.98 -9.54 -8.68
N GLN B 47 25.78 -8.52 -8.96
CA GLN B 47 25.71 -7.32 -8.16
C GLN B 47 24.40 -6.56 -8.44
N ILE B 48 23.99 -6.52 -9.70
CA ILE B 48 22.76 -5.85 -10.07
C ILE B 48 21.57 -6.60 -9.48
N ASN B 49 21.63 -7.93 -9.50
CA ASN B 49 20.57 -8.75 -8.92
C ASN B 49 20.49 -8.56 -7.41
N GLY B 50 21.65 -8.55 -6.76
CA GLY B 50 21.67 -8.33 -5.33
C GLY B 50 21.09 -6.98 -4.98
N LYS B 51 21.41 -5.98 -5.79
CA LYS B 51 20.92 -4.62 -5.60
C LYS B 51 19.39 -4.56 -5.81
N LEU B 52 18.92 -5.27 -6.82
CA LEU B 52 17.51 -5.32 -7.15
C LEU B 52 16.70 -6.04 -6.09
N ASN B 53 17.25 -7.08 -5.49
CA ASN B 53 16.54 -7.85 -4.47
C ASN B 53 16.37 -7.14 -3.15
N ARG B 54 17.26 -6.21 -2.84
CA ARG B 54 17.17 -5.44 -1.61
C ARG B 54 16.06 -4.40 -1.77
N VAL B 55 15.97 -3.82 -2.96
CA VAL B 55 14.98 -2.79 -3.29
C VAL B 55 13.55 -3.29 -3.42
N ILE B 56 13.36 -4.43 -4.11
CA ILE B 56 12.03 -4.97 -4.31
C ILE B 56 11.71 -5.99 -3.24
N GLU B 57 12.15 -5.70 -2.03
CA GLU B 57 11.94 -6.61 -0.91
C GLU B 57 10.93 -6.07 0.13
N LYS B 58 10.26 -7.02 0.77
CA LYS B 58 9.29 -6.79 1.86
C LYS B 58 8.42 -5.55 1.93
N THR B 59 7.25 -5.61 1.28
CA THR B 59 6.31 -4.48 1.32
C THR B 59 5.69 -4.63 2.68
N ASN B 60 5.56 -3.54 3.44
CA ASN B 60 4.94 -3.76 4.73
C ASN B 60 3.43 -3.56 4.72
N GLU B 61 2.80 -4.42 5.49
CA GLU B 61 1.38 -4.47 5.65
C GLU B 61 0.81 -3.47 6.63
N LYS B 62 -0.19 -2.72 6.15
CA LYS B 62 -0.88 -1.77 7.01
C LYS B 62 -2.35 -2.10 6.84
N PHE B 63 -3.09 -2.04 7.92
CA PHE B 63 -4.49 -2.36 7.85
C PHE B 63 -5.30 -1.13 8.17
N HIS B 64 -5.85 -1.00 9.37
CA HIS B 64 -6.63 0.19 9.68
C HIS B 64 -5.68 1.37 9.97
N GLN B 65 -5.91 2.50 9.30
CA GLN B 65 -5.03 3.66 9.46
C GLN B 65 -5.85 4.90 9.84
N ILE B 66 -5.67 5.99 9.11
CA ILE B 66 -6.44 7.21 9.36
C ILE B 66 -7.22 7.46 8.08
N GLU B 67 -8.26 8.29 8.14
CA GLU B 67 -9.01 8.63 6.95
C GLU B 67 -8.16 9.63 6.18
N LYS B 68 -8.24 9.59 4.85
CA LYS B 68 -7.45 10.46 3.98
C LYS B 68 -8.22 11.32 3.00
N GLU B 69 -9.54 11.19 3.02
CA GLU B 69 -10.42 11.98 2.17
C GLU B 69 -11.58 12.35 3.06
N PHE B 70 -12.05 13.58 2.92
CA PHE B 70 -13.12 14.08 3.78
C PHE B 70 -14.21 14.75 2.94
N SER B 71 -15.48 14.58 3.33
CA SER B 71 -16.59 15.17 2.59
C SER B 71 -17.07 16.49 3.16
N GLU B 72 -16.74 16.73 4.42
CA GLU B 72 -17.14 17.93 5.09
C GLU B 72 -15.92 18.70 5.58
N VAL B 73 -16.09 20.00 5.77
CA VAL B 73 -15.03 20.87 6.28
C VAL B 73 -15.13 20.75 7.80
N GLU B 74 -14.01 20.52 8.49
CA GLU B 74 -14.07 20.36 9.95
C GLU B 74 -13.16 21.30 10.73
N GLY B 75 -12.02 21.64 10.16
CA GLY B 75 -11.13 22.53 10.88
C GLY B 75 -9.93 21.81 11.45
N ARG B 76 -9.59 22.15 12.69
CA ARG B 76 -8.41 21.63 13.39
C ARG B 76 -7.97 20.16 13.21
N ILE B 77 -8.79 19.19 13.64
CA ILE B 77 -8.43 17.78 13.52
C ILE B 77 -8.20 17.36 12.07
N GLN B 78 -9.04 17.84 11.16
CA GLN B 78 -8.89 17.50 9.75
C GLN B 78 -7.61 18.08 9.16
N ASP B 79 -7.25 19.31 9.55
CA ASP B 79 -6.01 19.91 9.05
C ASP B 79 -4.83 19.04 9.45
N LEU B 80 -4.85 18.59 10.69
CA LEU B 80 -3.80 17.75 11.24
C LEU B 80 -3.76 16.43 10.47
N GLU B 81 -4.92 15.80 10.31
CA GLU B 81 -4.97 14.54 9.59
C GLU B 81 -4.37 14.64 8.18
N LYS B 82 -4.67 15.74 7.48
CA LYS B 82 -4.12 15.98 6.15
C LYS B 82 -2.62 16.31 6.14
N TYR B 83 -2.20 17.15 7.07
CA TYR B 83 -0.80 17.53 7.16
C TYR B 83 0.08 16.28 7.38
N VAL B 84 -0.37 15.41 8.29
CA VAL B 84 0.32 14.15 8.62
C VAL B 84 0.56 13.29 7.37
N GLU B 85 -0.47 13.06 6.58
CA GLU B 85 -0.34 12.25 5.38
C GLU B 85 0.51 12.93 4.30
N ASP B 86 0.35 14.23 4.12
CA ASP B 86 1.10 14.99 3.12
C ASP B 86 2.58 14.97 3.49
N THR B 87 2.86 15.10 4.78
CA THR B 87 4.20 15.08 5.30
C THR B 87 4.83 13.72 5.02
N LYS B 88 4.04 12.68 5.24
CA LYS B 88 4.47 11.32 5.02
C LYS B 88 4.77 11.07 3.53
N ILE B 89 3.83 11.46 2.66
CA ILE B 89 3.98 11.30 1.20
C ILE B 89 5.23 12.03 0.65
N ASP B 90 5.52 13.24 1.15
CA ASP B 90 6.68 14.01 0.72
C ASP B 90 8.00 13.35 1.06
N LEU B 91 8.08 12.81 2.27
CA LEU B 91 9.27 12.12 2.76
C LEU B 91 9.54 10.80 2.02
N TRP B 92 8.48 10.04 1.72
CA TRP B 92 8.65 8.81 0.97
C TRP B 92 8.96 9.08 -0.50
N SER B 93 8.37 10.13 -1.05
CA SER B 93 8.63 10.51 -2.43
C SER B 93 10.08 10.92 -2.54
N TYR B 94 10.59 11.61 -1.52
CA TYR B 94 11.98 12.01 -1.49
C TYR B 94 12.88 10.76 -1.42
N ASN B 95 12.53 9.83 -0.55
CA ASN B 95 13.26 8.56 -0.41
C ASN B 95 13.34 7.81 -1.72
N ALA B 96 12.21 7.68 -2.42
CA ALA B 96 12.16 6.97 -3.69
C ALA B 96 13.08 7.57 -4.77
N GLU B 97 13.06 8.88 -4.86
CA GLU B 97 13.85 9.65 -5.82
C GLU B 97 15.35 9.53 -5.55
N LEU B 98 15.74 9.77 -4.30
CA LEU B 98 17.14 9.67 -3.93
C LEU B 98 17.67 8.26 -4.11
N LEU B 99 16.85 7.28 -3.72
CA LEU B 99 17.23 5.89 -3.83
C LEU B 99 17.58 5.55 -5.26
N VAL B 100 16.68 5.86 -6.17
CA VAL B 100 16.90 5.58 -7.59
C VAL B 100 18.16 6.26 -8.15
N ALA B 101 18.38 7.51 -7.80
CA ALA B 101 19.53 8.25 -8.26
C ALA B 101 20.86 7.66 -7.78
N LEU B 102 20.94 7.35 -6.49
CA LEU B 102 22.14 6.75 -5.94
C LEU B 102 22.45 5.46 -6.65
N GLU B 103 21.47 4.57 -6.61
CA GLU B 103 21.55 3.26 -7.21
C GLU B 103 22.02 3.26 -8.63
N ASN B 104 21.41 4.11 -9.46
CA ASN B 104 21.75 4.20 -10.88
C ASN B 104 23.16 4.67 -11.11
N GLN B 105 23.59 5.65 -10.31
CA GLN B 105 24.95 6.18 -10.41
C GLN B 105 25.89 5.03 -10.11
N HIS B 106 25.57 4.29 -9.04
CA HIS B 106 26.36 3.16 -8.62
C HIS B 106 26.39 2.05 -9.67
N THR B 107 25.24 1.73 -10.26
CA THR B 107 25.17 0.69 -11.28
C THR B 107 26.07 1.02 -12.47
N ILE B 108 26.04 2.26 -12.90
CA ILE B 108 26.87 2.66 -14.00
C ILE B 108 28.35 2.59 -13.62
N ASP B 109 28.71 2.99 -12.40
CA ASP B 109 30.11 2.92 -11.98
C ASP B 109 30.61 1.50 -11.80
N LEU B 110 29.76 0.65 -11.29
CA LEU B 110 30.06 -0.74 -11.05
C LEU B 110 30.28 -1.50 -12.35
N THR B 111 29.48 -1.24 -13.37
CA THR B 111 29.65 -1.94 -14.64
C THR B 111 30.88 -1.43 -15.38
N ASP B 112 31.17 -0.14 -15.19
CA ASP B 112 32.34 0.49 -15.76
C ASP B 112 33.57 -0.14 -15.09
N SER B 113 33.46 -0.38 -13.79
CA SER B 113 34.52 -1.02 -12.99
C SER B 113 34.82 -2.43 -13.47
N GLU B 114 33.78 -3.22 -13.74
CA GLU B 114 33.97 -4.60 -14.23
C GLU B 114 34.62 -4.63 -15.62
N MET B 115 34.38 -3.60 -16.43
CA MET B 115 34.99 -3.53 -17.76
C MET B 115 36.47 -3.31 -17.56
N ASN B 116 36.78 -2.46 -16.59
CA ASN B 116 38.15 -2.13 -16.30
C ASN B 116 38.91 -3.28 -15.67
N LYS B 117 38.31 -3.95 -14.69
CA LYS B 117 38.94 -5.12 -14.06
C LYS B 117 39.23 -6.22 -15.09
N LEU B 118 38.35 -6.42 -16.08
CA LEU B 118 38.61 -7.42 -17.12
C LEU B 118 39.80 -6.96 -17.98
N PHE B 119 39.84 -5.67 -18.32
CA PHE B 119 40.93 -5.10 -19.10
C PHE B 119 42.27 -5.28 -18.36
N GLU B 120 42.32 -4.90 -17.10
CA GLU B 120 43.52 -5.02 -16.29
C GLU B 120 44.02 -6.45 -16.13
N LYS B 121 43.07 -7.37 -15.96
CA LYS B 121 43.36 -8.77 -15.79
C LYS B 121 44.03 -9.28 -17.06
N THR B 122 43.50 -8.86 -18.20
CA THR B 122 44.05 -9.26 -19.48
C THR B 122 45.46 -8.69 -19.70
N ARG B 123 45.64 -7.44 -19.30
CA ARG B 123 46.92 -6.75 -19.41
C ARG B 123 47.98 -7.53 -18.68
N ARG B 124 47.66 -7.92 -17.44
CA ARG B 124 48.58 -8.68 -16.59
C ARG B 124 48.95 -10.06 -17.11
N GLN B 125 48.05 -10.70 -17.86
CA GLN B 125 48.35 -12.02 -18.45
C GLN B 125 49.41 -11.89 -19.55
N LEU B 126 49.25 -10.86 -20.37
CA LEU B 126 50.14 -10.63 -21.50
C LEU B 126 51.58 -10.20 -21.22
N ARG B 127 51.82 -9.66 -20.02
CA ARG B 127 53.14 -9.20 -19.60
C ARG B 127 53.86 -8.33 -20.67
N GLU B 128 55.05 -8.70 -21.11
CA GLU B 128 55.79 -7.92 -22.11
C GLU B 128 55.52 -8.35 -23.54
N ASN B 129 54.50 -9.16 -23.74
CA ASN B 129 54.17 -9.70 -25.05
C ASN B 129 53.21 -8.82 -25.82
N ALA B 130 52.71 -7.76 -25.20
CA ALA B 130 51.75 -6.92 -25.89
C ALA B 130 51.86 -5.48 -25.47
N GLU B 131 51.34 -4.60 -26.29
CA GLU B 131 51.34 -3.20 -25.95
C GLU B 131 49.93 -2.72 -26.04
N GLU B 132 49.62 -1.71 -25.23
CA GLU B 132 48.28 -1.19 -25.23
C GLU B 132 48.07 -0.03 -26.19
N MET B 133 47.07 -0.18 -27.04
CA MET B 133 46.77 0.79 -28.05
C MET B 133 45.99 1.99 -27.60
N GLY B 134 45.38 1.96 -26.42
CA GLY B 134 44.64 3.11 -25.91
C GLY B 134 43.16 3.14 -26.24
N ASN B 135 42.68 2.06 -26.84
CA ASN B 135 41.28 1.97 -27.25
C ASN B 135 40.63 0.67 -26.77
N GLY B 136 41.24 0.01 -25.79
CA GLY B 136 40.69 -1.23 -25.28
C GLY B 136 41.31 -2.42 -25.99
N CYS B 137 42.21 -2.14 -26.91
CA CYS B 137 42.87 -3.18 -27.69
C CYS B 137 44.32 -3.29 -27.34
N PHE B 138 44.83 -4.51 -27.50
CA PHE B 138 46.23 -4.83 -27.29
C PHE B 138 46.84 -5.30 -28.59
N LYS B 139 48.08 -4.90 -28.82
CA LYS B 139 48.81 -5.38 -29.96
C LYS B 139 49.69 -6.47 -29.37
N ILE B 140 49.42 -7.71 -29.74
CA ILE B 140 50.17 -8.88 -29.29
C ILE B 140 51.30 -9.11 -30.29
N TYR B 141 52.52 -8.80 -29.87
CA TYR B 141 53.71 -8.90 -30.71
C TYR B 141 54.24 -10.29 -31.07
N HIS B 142 53.35 -11.21 -31.35
CA HIS B 142 53.81 -12.52 -31.72
C HIS B 142 52.65 -13.23 -32.39
N LYS B 143 52.97 -14.23 -33.19
CA LYS B 143 51.94 -14.98 -33.88
C LYS B 143 51.03 -15.60 -32.82
N CYS B 144 49.75 -15.29 -32.86
CA CYS B 144 48.82 -15.81 -31.90
C CYS B 144 47.59 -16.29 -32.64
N ASP B 145 47.49 -17.59 -32.86
CA ASP B 145 46.37 -18.16 -33.57
C ASP B 145 45.20 -18.32 -32.62
N ASN B 146 44.12 -18.87 -33.13
CA ASN B 146 42.89 -19.05 -32.35
C ASN B 146 43.04 -19.79 -31.01
N ALA B 147 43.93 -20.77 -30.92
CA ALA B 147 44.13 -21.50 -29.66
C ALA B 147 44.86 -20.59 -28.68
N CYS B 148 45.76 -19.78 -29.21
CA CYS B 148 46.52 -18.84 -28.42
C CYS B 148 45.55 -17.82 -27.85
N ILE B 149 44.69 -17.29 -28.71
CA ILE B 149 43.66 -16.32 -28.31
C ILE B 149 42.74 -16.91 -27.23
N GLU B 150 42.29 -18.14 -27.43
CA GLU B 150 41.42 -18.79 -26.45
C GLU B 150 42.13 -19.02 -25.13
N SER B 151 43.45 -19.23 -25.15
CA SER B 151 44.21 -19.42 -23.91
C SER B 151 44.28 -18.11 -23.11
N ILE B 152 44.23 -16.98 -23.83
CA ILE B 152 44.24 -15.67 -23.20
C ILE B 152 42.86 -15.51 -22.59
N ARG B 153 41.84 -15.84 -23.37
CA ARG B 153 40.46 -15.76 -22.94
C ARG B 153 40.16 -16.66 -21.75
N ASN B 154 40.69 -17.88 -21.75
CA ASN B 154 40.44 -18.78 -20.64
C ASN B 154 41.44 -18.65 -19.49
N GLY B 155 42.33 -17.67 -19.59
CA GLY B 155 43.30 -17.43 -18.54
C GLY B 155 44.40 -18.44 -18.35
N THR B 156 44.72 -19.21 -19.39
CA THR B 156 45.79 -20.18 -19.26
C THR B 156 46.99 -19.73 -20.11
N TYR B 157 46.97 -18.47 -20.57
CA TYR B 157 48.05 -17.93 -21.40
C TYR B 157 49.35 -17.90 -20.64
N ASP B 158 50.41 -18.48 -21.22
CA ASP B 158 51.73 -18.48 -20.60
C ASP B 158 52.60 -17.53 -21.39
N HIS B 159 52.83 -16.36 -20.83
CA HIS B 159 53.61 -15.34 -21.49
C HIS B 159 55.01 -15.82 -21.83
N ASP B 160 55.57 -16.69 -21.01
CA ASP B 160 56.92 -17.18 -21.24
C ASP B 160 57.10 -17.85 -22.56
N VAL B 161 56.15 -18.69 -22.90
CA VAL B 161 56.22 -19.39 -24.16
C VAL B 161 56.49 -18.44 -25.34
N TYR B 162 56.07 -17.18 -25.26
CA TYR B 162 56.23 -16.25 -26.37
C TYR B 162 57.08 -15.04 -26.12
N ARG B 163 57.59 -14.91 -24.91
CA ARG B 163 58.38 -13.75 -24.54
C ARG B 163 59.47 -13.33 -25.52
N ASP B 164 60.37 -14.25 -25.87
CA ASP B 164 61.47 -13.91 -26.79
C ASP B 164 61.05 -13.43 -28.18
N GLU B 165 59.97 -13.99 -28.73
CA GLU B 165 59.47 -13.57 -30.04
C GLU B 165 58.88 -12.16 -29.91
N ALA B 166 58.10 -11.97 -28.87
CA ALA B 166 57.46 -10.69 -28.59
C ALA B 166 58.49 -9.58 -28.38
N LEU B 167 59.46 -9.82 -27.51
CA LEU B 167 60.49 -8.81 -27.21
C LEU B 167 61.27 -8.36 -28.43
N ASN B 168 61.59 -9.31 -29.31
CA ASN B 168 62.32 -9.02 -30.53
C ASN B 168 61.45 -8.15 -31.44
N ASN B 169 60.18 -8.50 -31.52
CA ASN B 169 59.25 -7.72 -32.33
C ASN B 169 59.01 -6.34 -31.73
N ARG B 170 58.85 -6.26 -30.42
CA ARG B 170 58.58 -4.99 -29.74
C ARG B 170 59.70 -3.98 -29.77
N PHE B 171 60.82 -4.39 -29.21
CA PHE B 171 61.99 -3.54 -29.08
C PHE B 171 62.95 -3.56 -30.23
N GLN B 172 62.51 -4.05 -31.37
CA GLN B 172 63.35 -4.10 -32.54
C GLN B 172 62.60 -3.92 -33.85
N ILE B 173 62.94 -4.75 -34.83
CA ILE B 173 62.40 -4.69 -36.20
C ILE B 173 63.06 -3.47 -36.92
N LYS B 174 63.01 -2.30 -36.27
CA LYS B 174 63.66 -1.09 -36.80
C LYS B 174 64.70 -0.62 -35.75
N GLY B 175 64.32 -0.68 -34.47
CA GLY B 175 65.22 -0.29 -33.38
C GLY B 175 64.49 0.15 -32.12
C1 NAG C . -30.11 1.82 40.59
C2 NAG C . -30.27 1.71 42.12
C3 NAG C . -28.94 1.37 42.79
C4 NAG C . -28.30 0.18 42.11
C5 NAG C . -28.17 0.45 40.62
C6 NAG C . -27.54 -0.67 39.86
C7 NAG C . -32.00 3.17 43.05
C8 NAG C . -32.33 4.54 43.64
N2 NAG C . -30.73 2.98 42.67
O3 NAG C . -29.15 1.08 44.16
O4 NAG C . -27.00 -0.07 42.67
O5 NAG C . -29.48 0.65 40.07
O6 NAG C . -28.26 -1.87 40.08
O7 NAG C . -32.89 2.32 42.90
C1 NAG C . -26.90 -1.04 43.66
C2 NAG C . -25.45 -1.55 43.72
C3 NAG C . -25.29 -2.51 44.89
C4 NAG C . -25.76 -1.81 46.16
C5 NAG C . -27.18 -1.34 46.01
C6 NAG C . -27.61 -0.58 47.25
C7 NAG C . -24.35 -1.67 41.56
C8 NAG C . -24.02 -2.48 40.32
N2 NAG C . -25.11 -2.24 42.50
O3 NAG C . -23.94 -2.89 45.01
O4 NAG C . -25.70 -2.71 47.27
O5 NAG C . -27.29 -0.45 44.89
O6 NAG C . -28.91 -0.06 47.11
O7 NAG C . -23.91 -0.53 41.69
C1 BMA C . -24.58 -2.63 48.06
C2 BMA C . -24.99 -2.85 49.53
C3 BMA C . -23.75 -2.94 50.43
C4 BMA C . -22.75 -3.95 49.85
C5 BMA C . -22.43 -3.59 48.40
C6 BMA C . -21.41 -4.45 47.68
O2 BMA C . -25.78 -4.01 49.67
O3 BMA C . -24.13 -3.33 51.74
O4 BMA C . -21.55 -3.96 50.63
O5 BMA C . -23.65 -3.62 47.62
O6 BMA C . -21.82 -5.80 47.57
C1 NAG D . 16.14 -6.60 -17.70
C2 NAG D . 15.93 -8.02 -18.23
C3 NAG D . 14.76 -8.73 -17.57
C4 NAG D . 14.87 -8.62 -16.06
C5 NAG D . 15.01 -7.14 -15.63
C6 NAG D . 15.27 -6.98 -14.14
C7 NAG D . 16.68 -8.05 -20.53
C8 NAG D . 16.32 -7.91 -22.00
N2 NAG D . 15.68 -7.93 -19.67
O3 NAG D . 14.75 -10.11 -17.96
O4 NAG D . 13.72 -9.23 -15.45
O5 NAG D . 16.13 -6.52 -16.28
O6 NAG D . 16.59 -7.41 -13.81
O7 NAG D . 17.86 -8.28 -20.19
C1 NAG E . -25.81 -13.48 16.09
C2 NAG E . -27.06 -14.34 16.16
C3 NAG E . -27.34 -14.70 17.60
C4 NAG E . -26.10 -15.26 18.32
C5 NAG E . -24.79 -14.53 17.98
C6 NAG E . -23.55 -15.35 18.35
C7 NAG E . -28.44 -13.63 14.32
C8 NAG E . -29.62 -12.78 13.84
N2 NAG E . -28.19 -13.59 15.62
O3 NAG E . -28.39 -15.66 17.65
O4 NAG E . -26.33 -15.10 19.69
O5 NAG E . -24.70 -14.24 16.56
O6 NAG E . -23.58 -16.62 17.71
O7 NAG E . -27.81 -14.32 13.51
C1 NAG F . -27.13 -17.50 20.81
C2 NAG F . -27.46 -16.53 22.02
C3 NAG F . -26.25 -15.81 22.66
C4 NAG F . -25.01 -16.68 22.66
C5 NAG F . -24.76 -17.07 21.22
C6 NAG F . -23.39 -17.68 20.94
C7 NAG F . -29.35 -15.57 20.72
C8 NAG F . -30.23 -14.35 20.52
N2 NAG F . -28.41 -15.47 21.67
O3 NAG F . -26.59 -15.39 23.98
O4 NAG F . -23.90 -15.96 23.20
O5 NAG F . -25.77 -18.03 20.83
O6 NAG F . -23.34 -18.25 19.63
O7 NAG F . -29.52 -16.59 20.03
C1 NAG G . -7.38 6.40 -8.31
C2 NAG G . -6.93 7.01 -9.66
C3 NAG G . -6.68 8.51 -9.54
C4 NAG G . -7.88 9.21 -8.91
C5 NAG G . -8.22 8.54 -7.57
C6 NAG G . -9.43 9.12 -6.87
C7 NAG G . -5.81 5.30 -10.95
C8 NAG G . -4.49 4.68 -11.43
N2 NAG G . -5.73 6.36 -10.15
O3 NAG G . -6.44 9.06 -10.83
O4 NAG G . -7.61 10.61 -8.73
O5 NAG G . -8.48 7.14 -7.77
O6 NAG G . -10.21 8.11 -6.23
O7 NAG G . -6.89 4.80 -11.30
C1 NAG H . 42.23 -22.86 -22.84
C2 NAG H . 41.65 -24.22 -22.34
C3 NAG H . 42.44 -25.41 -22.89
C4 NAG H . 42.65 -25.29 -24.39
C5 NAG H . 43.35 -23.95 -24.67
C6 NAG H . 43.67 -23.72 -26.14
C7 NAG H . 40.61 -24.26 -20.15
C8 NAG H . 40.79 -24.30 -18.64
N2 NAG H . 41.71 -24.25 -20.89
O3 NAG H . 41.75 -26.63 -22.60
O4 NAG H . 43.45 -26.38 -24.85
O5 NAG H . 42.49 -22.87 -24.25
O6 NAG H . 42.49 -23.47 -26.89
O7 NAG H . 39.47 -24.26 -20.63
#